data_6LH7
#
_entry.id   6LH7
#
_cell.length_a   49.702
_cell.length_b   50.293
_cell.length_c   131.684
_cell.angle_alpha   90.000
_cell.angle_beta   97.241
_cell.angle_gamma   90.000
#
_symmetry.space_group_name_H-M   'P 1 21 1'
#
loop_
_entity.id
_entity.type
_entity.pdbx_description
1 polymer 'Methionine aminopeptidase'
2 non-polymer 'NICKEL (II) ION'
3 non-polymer 'SODIUM ION'
4 non-polymer GLYCEROL
5 water water
#
_entity_poly.entity_id   1
_entity_poly.type   'polypeptide(L)'
_entity_poly.pdbx_seq_one_letter_code
;MGSSHHHHHHSSGLVPAGSHMMSIKIKNAVEIEKMRVAGRLAAEVLEMIEPHVKAGVTTEELDQICHKYITEVQGAIPAP
LNYHGFPKSICTSINHIVCHGIPASEDTYFGQIQRPAVLRDGDILNIDITVIKDGYHGDTSKMFLIGDVSIEDKRLCHVA
QECLYLALKQVKPGVQLGEIGTTIEKHIKTNNKNNPRFKFSIVRDYCGHGIGAEFHEEPQVVHYKNSDRTVLREGMIFTI
EPMINAGKFGCRLDDEDSWTVYTADGKKSAQWEHTILVTATGCEILTLRSEESLPRILNNA
;
_entity_poly.pdbx_strand_id   A,B
#
loop_
_chem_comp.id
_chem_comp.type
_chem_comp.name
_chem_comp.formula
GOL non-polymer GLYCEROL 'C3 H8 O3'
NA non-polymer 'SODIUM ION' 'Na 1'
NI non-polymer 'NICKEL (II) ION' 'Ni 2'
#
# COMPACT_ATOMS: atom_id res chain seq x y z
N SER A 23 -20.56 5.04 24.36
CA SER A 23 -19.60 6.16 24.23
C SER A 23 -18.52 5.87 23.18
N ILE A 24 -18.62 4.78 22.43
CA ILE A 24 -17.75 4.67 21.22
C ILE A 24 -18.29 5.66 20.17
N LYS A 25 -17.42 6.48 19.58
CA LYS A 25 -17.87 7.47 18.58
C LYS A 25 -17.95 6.82 17.19
N ILE A 26 -18.98 7.13 16.43
CA ILE A 26 -19.06 6.81 14.98
C ILE A 26 -18.75 8.11 14.27
N LYS A 27 -17.63 8.18 13.57
CA LYS A 27 -17.26 9.40 12.87
C LYS A 27 -18.18 9.61 11.67
N ASN A 28 -18.53 10.88 11.43
CA ASN A 28 -19.26 11.29 10.21
C ASN A 28 -18.27 11.49 9.05
N ALA A 29 -18.74 11.75 7.84
CA ALA A 29 -17.91 11.87 6.63
C ALA A 29 -16.88 12.96 6.84
N VAL A 30 -17.24 14.09 7.43
CA VAL A 30 -16.30 15.22 7.57
C VAL A 30 -15.21 14.78 8.56
N GLU A 31 -15.60 14.11 9.64
CA GLU A 31 -14.58 13.68 10.65
C GLU A 31 -13.70 12.59 10.03
N ILE A 32 -14.25 11.67 9.23
CA ILE A 32 -13.42 10.64 8.56
C ILE A 32 -12.40 11.35 7.69
N GLU A 33 -12.76 12.41 6.97
CA GLU A 33 -11.75 13.07 6.09
C GLU A 33 -10.70 13.76 6.97
N LYS A 34 -11.07 14.38 8.10
CA LYS A 34 -10.08 15.03 9.00
C LYS A 34 -9.16 13.94 9.57
N MET A 35 -9.69 12.76 9.85
CA MET A 35 -8.86 11.67 10.40
C MET A 35 -7.97 11.12 9.31
N ARG A 36 -8.43 11.08 8.08
CA ARG A 36 -7.58 10.63 6.97
C ARG A 36 -6.38 11.57 6.81
N VAL A 37 -6.62 12.88 6.87
CA VAL A 37 -5.52 13.87 6.78
C VAL A 37 -4.56 13.68 7.95
N ALA A 38 -5.05 13.59 9.18
CA ALA A 38 -4.16 13.46 10.34
C ALA A 38 -3.36 12.16 10.28
N GLY A 39 -3.97 11.07 9.83
CA GLY A 39 -3.27 9.77 9.71
C GLY A 39 -2.15 9.83 8.69
N ARG A 40 -2.40 10.47 7.56
CA ARG A 40 -1.37 10.62 6.52
CA ARG A 40 -1.39 10.65 6.51
C ARG A 40 -0.23 11.48 7.07
N LEU A 41 -0.55 12.55 7.79
CA LEU A 41 0.55 13.41 8.32
C LEU A 41 1.40 12.58 9.29
N ALA A 42 0.79 11.77 10.15
CA ALA A 42 1.55 11.00 11.16
C ALA A 42 2.48 10.04 10.40
N ALA A 43 1.99 9.34 9.37
CA ALA A 43 2.80 8.43 8.55
C ALA A 43 3.95 9.21 7.92
N GLU A 44 3.63 10.39 7.40
CA GLU A 44 4.63 11.21 6.68
C GLU A 44 5.78 11.60 7.63
N VAL A 45 5.53 11.78 8.91
CA VAL A 45 6.64 12.08 9.85
C VAL A 45 7.60 10.89 9.84
N LEU A 46 7.04 9.69 9.99
CA LEU A 46 7.89 8.49 9.97
C LEU A 46 8.63 8.35 8.65
N GLU A 47 8.02 8.72 7.53
CA GLU A 47 8.72 8.59 6.24
C GLU A 47 9.87 9.61 6.19
N MET A 48 9.60 10.79 6.69
CA MET A 48 10.57 11.92 6.65
C MET A 48 11.77 11.57 7.50
N ILE A 49 11.56 10.98 8.67
CA ILE A 49 12.67 10.87 9.65
C ILE A 49 13.63 9.75 9.25
N GLU A 50 13.23 8.80 8.41
CA GLU A 50 14.00 7.56 8.21
C GLU A 50 15.46 7.84 7.84
N PRO A 51 15.79 8.76 6.91
CA PRO A 51 17.20 8.90 6.57
C PRO A 51 18.06 9.45 7.71
N HIS A 52 17.45 10.03 8.73
CA HIS A 52 18.18 10.56 9.89
C HIS A 52 18.44 9.47 10.93
N VAL A 53 17.78 8.31 10.83
CA VAL A 53 17.87 7.28 11.86
C VAL A 53 19.05 6.38 11.55
N LYS A 54 20.11 6.46 12.36
CA LYS A 54 21.34 5.66 12.11
CA LYS A 54 21.37 5.72 12.09
C LYS A 54 22.20 5.70 13.37
N ALA A 55 23.21 4.85 13.39
CA ALA A 55 24.10 4.80 14.57
C ALA A 55 24.76 6.15 14.84
N GLY A 56 24.82 6.50 16.12
CA GLY A 56 25.47 7.73 16.58
C GLY A 56 24.60 8.94 16.62
N VAL A 57 23.30 8.77 16.31
CA VAL A 57 22.30 9.86 16.38
C VAL A 57 21.60 9.79 17.71
N THR A 58 21.39 10.95 18.32
CA THR A 58 20.61 11.05 19.57
C THR A 58 19.12 11.03 19.28
N THR A 59 18.37 10.51 20.22
CA THR A 59 16.90 10.61 20.09
C THR A 59 16.44 12.05 20.23
N GLU A 60 17.19 12.90 20.96
CA GLU A 60 16.87 14.35 21.03
C GLU A 60 16.92 14.96 19.63
N GLU A 61 17.96 14.65 18.85
CA GLU A 61 18.07 15.17 17.46
CA GLU A 61 18.06 15.21 17.47
C GLU A 61 16.84 14.76 16.65
N LEU A 62 16.45 13.49 16.76
CA LEU A 62 15.25 13.02 16.01
C LEU A 62 14.00 13.82 16.46
N ASP A 63 13.87 14.09 17.75
CA ASP A 63 12.76 14.90 18.29
C ASP A 63 12.77 16.30 17.68
N GLN A 64 13.94 16.92 17.62
CA GLN A 64 14.03 18.31 17.09
C GLN A 64 13.58 18.32 15.62
N ILE A 65 14.05 17.35 14.85
CA ILE A 65 13.75 17.29 13.39
C ILE A 65 12.25 17.06 13.21
N CYS A 66 11.66 16.12 13.96
CA CYS A 66 10.22 15.85 13.85
C CYS A 66 9.44 17.08 14.31
N HIS A 67 9.80 17.70 15.41
CA HIS A 67 8.98 18.83 15.94
C HIS A 67 8.93 19.93 14.86
N LYS A 68 10.08 20.22 14.28
CA LYS A 68 10.14 21.32 13.26
C LYS A 68 9.31 20.93 12.05
N TYR A 69 9.36 19.69 11.64
CA TYR A 69 8.60 19.23 10.45
C TYR A 69 7.10 19.31 10.72
N ILE A 70 6.65 18.79 11.87
CA ILE A 70 5.23 18.72 12.23
C ILE A 70 4.71 20.18 12.27
N THR A 71 5.40 21.06 12.96
CA THR A 71 4.86 22.43 13.20
C THR A 71 5.08 23.33 11.97
N GLU A 72 6.24 23.36 11.37
CA GLU A 72 6.54 24.34 10.31
C GLU A 72 6.12 23.82 8.94
N VAL A 73 6.22 22.54 8.64
CA VAL A 73 5.91 22.04 7.29
C VAL A 73 4.47 21.56 7.25
N GLN A 74 4.05 20.72 8.23
CA GLN A 74 2.70 20.15 8.19
C GLN A 74 1.66 21.13 8.72
N GLY A 75 2.06 22.12 9.50
CA GLY A 75 1.06 22.96 10.18
C GLY A 75 0.21 22.18 11.13
N ALA A 76 0.80 21.21 11.80
CA ALA A 76 0.10 20.34 12.76
C ALA A 76 0.78 20.49 14.12
N ILE A 77 0.27 19.76 15.11
CA ILE A 77 0.62 19.85 16.55
C ILE A 77 1.12 18.47 16.97
N PRO A 78 2.27 18.36 17.67
CA PRO A 78 2.59 17.12 18.37
C PRO A 78 1.78 16.99 19.64
N ALA A 79 0.91 16.00 19.71
CA ALA A 79 -0.02 15.79 20.83
C ALA A 79 0.68 15.57 22.15
N PRO A 80 1.77 14.73 22.25
CA PRO A 80 2.34 14.37 23.56
C PRO A 80 2.76 15.61 24.34
N LEU A 81 3.47 16.49 23.65
CA LEU A 81 4.10 17.68 24.23
C LEU A 81 3.01 18.63 24.72
N ASN A 82 1.95 18.79 23.96
CA ASN A 82 1.00 19.92 24.19
C ASN A 82 -0.11 19.48 25.13
N TYR A 83 -0.52 18.20 25.15
CA TYR A 83 -1.74 17.79 25.87
C TYR A 83 -1.51 16.66 26.86
N HIS A 84 -0.44 15.88 26.74
CA HIS A 84 -0.34 14.64 27.57
C HIS A 84 0.69 14.80 28.66
N GLY A 85 1.35 15.93 28.79
CA GLY A 85 2.38 16.09 29.82
C GLY A 85 3.68 15.47 29.45
N PHE A 86 3.85 15.07 28.19
CA PHE A 86 5.12 14.46 27.78
C PHE A 86 6.14 15.54 27.51
N PRO A 87 7.42 15.38 27.89
CA PRO A 87 8.36 16.48 27.78
C PRO A 87 8.88 16.73 26.36
N LYS A 88 8.56 15.83 25.41
CA LYS A 88 9.09 15.92 24.03
C LYS A 88 7.96 15.71 23.03
N SER A 89 8.28 15.76 21.74
CA SER A 89 7.26 15.76 20.68
C SER A 89 6.97 14.34 20.17
N ILE A 90 7.92 13.45 20.31
CA ILE A 90 7.84 12.05 19.82
C ILE A 90 8.26 11.14 20.95
N CYS A 91 7.91 9.85 20.87
CA CYS A 91 8.43 8.84 21.81
C CYS A 91 9.44 7.98 21.07
N THR A 92 10.59 7.77 21.64
CA THR A 92 11.71 7.01 21.04
C THR A 92 12.07 5.90 22.01
N SER A 93 11.70 4.66 21.65
CA SER A 93 11.86 3.49 22.55
C SER A 93 12.91 2.52 21.98
N ILE A 94 14.04 2.42 22.64
CA ILE A 94 15.17 1.58 22.15
C ILE A 94 15.21 0.24 22.88
N ASN A 95 15.36 -0.88 22.16
CA ASN A 95 15.76 -2.21 22.73
C ASN A 95 14.78 -2.63 23.84
N HIS A 96 15.22 -2.71 25.09
CA HIS A 96 14.41 -3.20 26.23
C HIS A 96 13.42 -2.14 26.70
N ILE A 97 13.36 -0.97 26.08
CA ILE A 97 12.26 0.00 26.34
C ILE A 97 11.07 -0.48 25.54
N VAL A 98 9.97 -0.67 26.23
CA VAL A 98 8.69 -1.16 25.66
C VAL A 98 7.93 -0.03 24.96
N CYS A 99 7.85 1.12 25.65
CA CYS A 99 7.13 2.29 25.11
C CYS A 99 7.52 3.53 25.92
N HIS A 100 7.13 4.67 25.37
CA HIS A 100 7.21 5.97 26.06
C HIS A 100 8.62 6.34 26.38
N GLY A 101 9.61 5.89 25.61
CA GLY A 101 10.99 6.37 25.73
C GLY A 101 11.04 7.84 25.44
N ILE A 102 11.89 8.54 26.19
CA ILE A 102 11.93 10.03 26.11
C ILE A 102 13.18 10.41 25.32
N PRO A 103 13.03 11.18 24.24
CA PRO A 103 14.20 11.73 23.55
C PRO A 103 15.17 12.41 24.52
N ALA A 104 16.46 12.21 24.28
CA ALA A 104 17.51 12.76 25.16
C ALA A 104 18.80 12.83 24.37
N SER A 105 19.79 13.47 24.99
CA SER A 105 21.12 13.72 24.37
CA SER A 105 21.12 13.69 24.34
C SER A 105 22.19 12.84 25.03
N GLU A 106 21.89 12.22 26.15
CA GLU A 106 22.88 11.46 26.93
C GLU A 106 22.24 10.17 27.43
N ASP A 107 22.95 9.08 27.37
CA ASP A 107 22.52 7.81 28.01
C ASP A 107 22.58 8.01 29.53
N THR A 108 21.56 7.56 30.20
CA THR A 108 21.47 7.61 31.68
C THR A 108 20.98 6.26 32.18
N TYR A 109 20.73 6.15 33.50
CA TYR A 109 20.33 4.89 34.17
C TYR A 109 19.17 5.17 35.11
N PHE A 110 18.25 4.23 35.14
CA PHE A 110 17.17 4.09 36.13
C PHE A 110 17.64 2.96 37.06
N GLY A 111 18.30 3.32 38.15
CA GLY A 111 18.99 2.31 38.96
C GLY A 111 20.04 1.57 38.13
N GLN A 112 19.88 0.25 38.00
CA GLN A 112 20.81 -0.61 37.23
CA GLN A 112 20.83 -0.59 37.22
C GLN A 112 20.35 -0.69 35.75
N ILE A 113 19.18 -0.13 35.42
CA ILE A 113 18.59 -0.29 34.06
C ILE A 113 19.08 0.86 33.19
N GLN A 114 19.59 0.54 32.01
CA GLN A 114 20.00 1.54 31.02
C GLN A 114 18.79 2.29 30.48
N ARG A 115 18.92 3.61 30.38
CA ARG A 115 17.95 4.53 29.79
C ARG A 115 18.63 5.20 28.61
N PRO A 116 18.65 4.49 27.46
CA PRO A 116 19.45 4.97 26.34
C PRO A 116 18.87 6.16 25.56
N ALA A 117 19.78 6.91 24.96
CA ALA A 117 19.44 8.07 24.12
C ALA A 117 20.22 8.02 22.81
N VAL A 118 21.35 7.32 22.74
CA VAL A 118 22.19 7.39 21.51
C VAL A 118 22.16 6.05 20.79
N LEU A 119 21.80 6.07 19.51
CA LEU A 119 21.66 4.81 18.76
C LEU A 119 23.03 4.19 18.49
N ARG A 120 23.02 2.88 18.50
CA ARG A 120 24.20 2.03 18.21
CA ARG A 120 24.20 2.04 18.19
C ARG A 120 23.83 0.95 17.20
N ASP A 121 24.81 0.48 16.43
CA ASP A 121 24.75 -0.74 15.61
CA ASP A 121 24.60 -0.68 15.54
C ASP A 121 24.14 -1.87 16.40
N GLY A 122 23.12 -2.51 15.91
CA GLY A 122 22.46 -3.65 16.52
C GLY A 122 21.18 -3.25 17.25
N ASP A 123 20.99 -1.96 17.46
CA ASP A 123 19.76 -1.53 18.18
C ASP A 123 18.51 -1.74 17.32
N ILE A 124 17.41 -1.81 18.02
CA ILE A 124 16.06 -1.63 17.42
C ILE A 124 15.44 -0.41 18.08
N LEU A 125 14.72 0.39 17.30
CA LEU A 125 14.12 1.65 17.74
C LEU A 125 12.67 1.69 17.29
N ASN A 126 11.78 2.04 18.21
CA ASN A 126 10.41 2.39 17.87
C ASN A 126 10.30 3.91 17.91
N ILE A 127 9.83 4.54 16.82
CA ILE A 127 9.41 5.96 16.91
C ILE A 127 7.89 5.99 16.87
N ASP A 128 7.28 6.64 17.86
CA ASP A 128 5.80 6.76 17.99
CA ASP A 128 5.81 6.77 18.02
C ASP A 128 5.44 8.23 17.77
N ILE A 129 4.57 8.46 16.81
CA ILE A 129 4.15 9.80 16.34
C ILE A 129 2.67 9.93 16.66
N THR A 130 2.29 11.02 17.31
CA THR A 130 0.88 11.39 17.50
C THR A 130 0.73 12.86 17.08
N VAL A 131 0.03 13.10 15.99
CA VAL A 131 -0.17 14.49 15.50
C VAL A 131 -1.63 14.84 15.56
N ILE A 132 -1.89 16.11 15.76
CA ILE A 132 -3.27 16.68 15.65
C ILE A 132 -3.31 17.67 14.53
N LYS A 133 -4.27 17.52 13.64
CA LYS A 133 -4.48 18.49 12.54
C LYS A 133 -5.98 18.80 12.57
N ASP A 134 -6.30 20.08 12.74
CA ASP A 134 -7.69 20.61 12.83
CA ASP A 134 -7.71 20.53 12.71
C ASP A 134 -8.52 19.73 13.76
N GLY A 135 -8.00 19.52 14.97
CA GLY A 135 -8.67 18.90 16.09
C GLY A 135 -8.82 17.38 16.04
N TYR A 136 -8.17 16.75 15.07
CA TYR A 136 -8.28 15.27 14.93
C TYR A 136 -6.87 14.68 15.01
N HIS A 137 -6.82 13.47 15.59
CA HIS A 137 -5.51 12.78 15.89
C HIS A 137 -5.14 11.72 14.88
N GLY A 138 -3.86 11.64 14.55
CA GLY A 138 -3.28 10.46 13.86
C GLY A 138 -2.17 9.86 14.71
N ASP A 139 -2.19 8.57 14.96
CA ASP A 139 -1.25 7.93 15.89
C ASP A 139 -0.67 6.68 15.19
N THR A 140 0.63 6.59 15.21
CA THR A 140 1.27 5.44 14.54
C THR A 140 2.68 5.28 15.09
N SER A 141 3.25 4.10 14.90
CA SER A 141 4.64 3.86 15.33
C SER A 141 5.23 2.73 14.47
N LYS A 142 6.54 2.69 14.34
CA LYS A 142 7.17 1.62 13.60
C LYS A 142 8.53 1.34 14.20
N MET A 143 9.09 0.20 13.82
CA MET A 143 10.44 -0.21 14.22
C MET A 143 11.43 0.14 13.11
N PHE A 144 12.58 0.61 13.52
CA PHE A 144 13.79 0.83 12.72
C PHE A 144 14.90 -0.10 13.19
N LEU A 145 15.57 -0.74 12.26
CA LEU A 145 16.73 -1.63 12.50
C LEU A 145 18.03 -0.84 12.31
N ILE A 146 18.83 -0.70 13.35
CA ILE A 146 20.05 0.16 13.27
C ILE A 146 21.24 -0.73 12.87
N GLY A 147 21.73 -0.51 11.65
CA GLY A 147 22.87 -1.30 11.14
C GLY A 147 22.61 -2.79 11.17
N ASP A 148 23.60 -3.57 11.56
CA ASP A 148 23.54 -5.04 11.48
C ASP A 148 22.86 -5.59 12.74
N VAL A 149 21.59 -5.86 12.60
CA VAL A 149 20.80 -6.35 13.75
C VAL A 149 20.79 -7.88 13.75
N SER A 150 20.78 -8.48 14.94
CA SER A 150 20.84 -9.95 15.13
C SER A 150 19.61 -10.63 14.51
N ILE A 151 19.71 -11.92 14.21
CA ILE A 151 18.54 -12.68 13.69
CA ILE A 151 18.57 -12.74 13.72
C ILE A 151 17.45 -12.65 14.77
N GLU A 152 17.79 -12.75 16.05
CA GLU A 152 16.78 -12.77 17.15
CA GLU A 152 16.72 -12.81 17.08
C GLU A 152 15.96 -11.48 17.09
N ASP A 153 16.66 -10.37 16.97
CA ASP A 153 16.01 -9.04 17.02
C ASP A 153 15.24 -8.80 15.73
N LYS A 154 15.73 -9.21 14.57
CA LYS A 154 14.96 -9.10 13.31
CA LYS A 154 14.96 -9.11 13.31
C LYS A 154 13.67 -9.94 13.44
N ARG A 155 13.74 -11.14 14.03
CA ARG A 155 12.55 -11.98 14.14
CA ARG A 155 12.55 -11.99 14.15
C ARG A 155 11.54 -11.27 15.04
N LEU A 156 12.00 -10.73 16.15
CA LEU A 156 11.09 -10.00 17.07
C LEU A 156 10.33 -8.90 16.31
N CYS A 157 11.05 -8.08 15.60
CA CYS A 157 10.43 -6.96 14.87
C CYS A 157 9.45 -7.50 13.85
N HIS A 158 9.85 -8.53 13.09
CA HIS A 158 9.02 -9.05 11.99
C HIS A 158 7.74 -9.67 12.54
N VAL A 159 7.83 -10.50 13.56
CA VAL A 159 6.66 -11.18 14.15
C VAL A 159 5.75 -10.12 14.77
N ALA A 160 6.31 -9.08 15.40
CA ALA A 160 5.43 -8.02 15.94
C ALA A 160 4.61 -7.37 14.80
N GLN A 161 5.21 -7.11 13.65
CA GLN A 161 4.48 -6.53 12.52
C GLN A 161 3.45 -7.53 12.01
N GLU A 162 3.81 -8.80 11.92
CA GLU A 162 2.83 -9.82 11.49
C GLU A 162 1.64 -9.81 12.43
N CYS A 163 1.82 -9.59 13.72
CA CYS A 163 0.69 -9.59 14.68
C CYS A 163 -0.27 -8.47 14.32
N LEU A 164 0.28 -7.29 14.03
CA LEU A 164 -0.56 -6.13 13.64
C LEU A 164 -1.30 -6.44 12.34
N TYR A 165 -0.58 -6.94 11.34
CA TYR A 165 -1.19 -7.16 10.01
C TYR A 165 -2.28 -8.23 10.10
N LEU A 166 -2.07 -9.28 10.87
CA LEU A 166 -3.08 -10.37 11.00
C LEU A 166 -4.27 -9.86 11.76
N ALA A 167 -4.08 -9.02 12.76
CA ALA A 167 -5.21 -8.42 13.49
C ALA A 167 -6.04 -7.57 12.49
N LEU A 168 -5.42 -6.77 11.62
CA LEU A 168 -6.13 -5.92 10.63
C LEU A 168 -7.01 -6.76 9.72
N LYS A 169 -6.58 -7.95 9.36
CA LYS A 169 -7.30 -8.84 8.45
C LYS A 169 -8.59 -9.35 9.10
N GLN A 170 -8.76 -9.12 10.41
CA GLN A 170 -9.96 -9.61 11.14
C GLN A 170 -11.00 -8.50 11.24
N VAL A 171 -10.67 -7.26 10.93
CA VAL A 171 -11.55 -6.13 11.24
C VAL A 171 -12.60 -5.99 10.13
N LYS A 172 -13.87 -5.95 10.49
CA LYS A 172 -14.99 -5.58 9.61
C LYS A 172 -16.21 -5.38 10.49
N PRO A 173 -17.28 -4.77 9.99
CA PRO A 173 -18.46 -4.61 10.84
C PRO A 173 -19.00 -5.98 11.31
N GLY A 174 -19.41 -6.02 12.56
CA GLY A 174 -20.00 -7.23 13.13
C GLY A 174 -19.04 -8.11 13.86
N VAL A 175 -17.75 -7.90 13.73
CA VAL A 175 -16.74 -8.72 14.46
C VAL A 175 -16.65 -8.21 15.88
N GLN A 176 -16.49 -9.13 16.84
CA GLN A 176 -16.32 -8.76 18.24
C GLN A 176 -14.86 -8.38 18.52
N LEU A 177 -14.69 -7.36 19.32
CA LEU A 177 -13.38 -6.77 19.59
C LEU A 177 -12.40 -7.83 20.08
N GLY A 178 -12.83 -8.81 20.89
CA GLY A 178 -11.91 -9.82 21.42
C GLY A 178 -11.25 -10.61 20.35
N GLU A 179 -11.74 -10.61 19.11
CA GLU A 179 -11.08 -11.36 18.00
C GLU A 179 -9.72 -10.74 17.69
N ILE A 180 -9.51 -9.46 17.99
CA ILE A 180 -8.20 -8.83 17.70
CA ILE A 180 -8.19 -8.84 17.68
C ILE A 180 -7.11 -9.48 18.57
N GLY A 181 -7.26 -9.41 19.88
CA GLY A 181 -6.27 -9.99 20.79
C GLY A 181 -6.22 -11.49 20.63
N THR A 182 -7.36 -12.12 20.41
CA THR A 182 -7.37 -13.60 20.20
C THR A 182 -6.54 -13.95 18.98
N THR A 183 -6.67 -13.20 17.88
CA THR A 183 -5.85 -13.43 16.67
C THR A 183 -4.37 -13.18 16.92
N ILE A 184 -4.02 -12.13 17.65
CA ILE A 184 -2.60 -11.85 17.98
C ILE A 184 -2.05 -13.01 18.81
N GLU A 185 -2.77 -13.37 19.86
CA GLU A 185 -2.27 -14.47 20.73
C GLU A 185 -2.16 -15.77 19.94
N LYS A 186 -3.09 -16.09 19.04
CA LYS A 186 -2.99 -17.31 18.19
C LYS A 186 -1.68 -17.26 17.42
N HIS A 187 -1.32 -16.12 16.83
CA HIS A 187 -0.09 -16.00 16.06
C HIS A 187 1.14 -16.25 16.94
N ILE A 188 1.16 -15.62 18.11
CA ILE A 188 2.32 -15.80 19.02
C ILE A 188 2.42 -17.26 19.49
N LYS A 189 1.32 -17.88 19.82
CA LYS A 189 1.34 -19.32 20.27
C LYS A 189 1.85 -20.15 19.10
N THR A 190 1.44 -19.89 17.86
CA THR A 190 1.93 -20.66 16.70
C THR A 190 3.43 -20.43 16.51
N ASN A 191 3.86 -19.17 16.64
CA ASN A 191 5.26 -18.83 16.53
C ASN A 191 6.05 -19.64 17.58
N ASN A 192 5.58 -19.64 18.80
CA ASN A 192 6.30 -20.27 19.95
C ASN A 192 6.40 -21.80 19.74
N LYS A 193 5.33 -22.40 19.25
CA LYS A 193 5.32 -23.87 18.96
C LYS A 193 6.34 -24.15 17.87
N ASN A 194 6.45 -23.35 16.83
CA ASN A 194 7.22 -23.64 15.59
C ASN A 194 8.67 -23.15 15.69
N ASN A 195 8.99 -22.28 16.66
CA ASN A 195 10.29 -21.60 16.72
C ASN A 195 10.75 -21.54 18.16
N PRO A 196 11.08 -22.68 18.80
CA PRO A 196 11.47 -22.70 20.20
C PRO A 196 12.72 -21.86 20.50
N ARG A 197 13.51 -21.46 19.50
CA ARG A 197 14.70 -20.60 19.68
C ARG A 197 14.25 -19.14 19.82
N PHE A 198 13.04 -18.79 19.34
CA PHE A 198 12.61 -17.37 19.18
C PHE A 198 11.18 -17.23 19.68
N LYS A 199 10.99 -17.50 20.96
CA LYS A 199 9.64 -17.42 21.59
CA LYS A 199 9.66 -17.44 21.61
C LYS A 199 9.38 -16.00 22.08
N PHE A 200 8.14 -15.61 22.06
CA PHE A 200 7.75 -14.22 22.43
C PHE A 200 6.60 -14.24 23.41
N SER A 201 6.39 -13.09 24.05
CA SER A 201 5.23 -12.86 24.91
C SER A 201 4.54 -11.55 24.52
N ILE A 202 3.30 -11.43 24.94
CA ILE A 202 2.47 -10.23 24.63
C ILE A 202 2.36 -9.37 25.86
N VAL A 203 2.72 -8.10 25.75
CA VAL A 203 2.54 -7.13 26.83
C VAL A 203 1.05 -6.95 27.11
N ARG A 204 0.71 -6.91 28.39
CA ARG A 204 -0.70 -6.88 28.84
CA ARG A 204 -0.69 -6.89 28.89
C ARG A 204 -1.09 -5.50 29.38
N ASP A 205 -0.13 -4.67 29.71
CA ASP A 205 -0.36 -3.47 30.56
C ASP A 205 -0.85 -2.33 29.70
N TYR A 206 -0.69 -2.42 28.38
CA TYR A 206 -0.92 -1.30 27.44
C TYR A 206 -1.85 -1.84 26.37
N CYS A 207 -2.72 -0.97 25.88
CA CYS A 207 -3.71 -1.41 24.90
CA CYS A 207 -3.84 -1.34 24.99
C CYS A 207 -3.94 -0.34 23.84
N GLY A 208 -4.54 -0.78 22.75
CA GLY A 208 -4.98 0.13 21.73
C GLY A 208 -6.25 0.79 22.19
N HIS A 209 -6.76 1.74 21.43
CA HIS A 209 -7.91 2.54 21.91
C HIS A 209 -8.61 3.27 20.78
N GLY A 210 -9.89 3.52 20.95
CA GLY A 210 -10.56 4.50 20.10
C GLY A 210 -9.75 5.79 20.04
N ILE A 211 -9.85 6.52 18.93
CA ILE A 211 -9.09 7.77 18.72
C ILE A 211 -9.88 8.63 17.75
N GLY A 212 -9.89 9.94 17.99
CA GLY A 212 -10.58 10.86 17.09
C GLY A 212 -10.31 12.29 17.48
N ALA A 213 -11.37 12.98 17.88
CA ALA A 213 -11.21 14.36 18.38
C ALA A 213 -10.47 14.32 19.71
N GLU A 214 -10.58 13.21 20.45
CA GLU A 214 -9.81 12.98 21.68
C GLU A 214 -8.82 11.84 21.43
N PHE A 215 -7.71 11.86 22.11
CA PHE A 215 -6.65 10.85 21.94
C PHE A 215 -7.13 9.51 22.44
N HIS A 216 -7.70 9.47 23.63
CA HIS A 216 -8.21 8.26 24.32
C HIS A 216 -9.73 8.24 24.26
N GLU A 217 -10.30 7.43 23.37
CA GLU A 217 -11.74 7.18 23.27
C GLU A 217 -11.98 5.68 23.52
N GLU A 218 -13.20 5.30 23.79
CA GLU A 218 -13.60 3.89 23.83
C GLU A 218 -13.53 3.36 22.40
N PRO A 219 -13.29 2.04 22.19
CA PRO A 219 -13.06 1.05 23.23
C PRO A 219 -11.57 0.86 23.53
N GLN A 220 -11.27 0.12 24.58
CA GLN A 220 -9.91 -0.39 24.86
C GLN A 220 -9.71 -1.66 24.06
N VAL A 221 -8.59 -1.79 23.35
CA VAL A 221 -8.28 -2.89 22.43
C VAL A 221 -7.11 -3.67 23.00
N VAL A 222 -7.37 -4.78 23.69
CA VAL A 222 -6.22 -5.51 24.28
C VAL A 222 -5.68 -6.46 23.23
N HIS A 223 -4.41 -6.83 23.37
CA HIS A 223 -3.66 -7.53 22.32
C HIS A 223 -3.43 -9.00 22.65
N TYR A 224 -3.93 -9.46 23.79
CA TYR A 224 -3.86 -10.90 24.17
C TYR A 224 -5.26 -11.51 24.04
N LYS A 225 -5.37 -12.83 24.23
CA LYS A 225 -6.66 -13.54 24.06
C LYS A 225 -7.67 -13.04 25.09
N ASN A 226 -8.87 -12.69 24.64
CA ASN A 226 -9.95 -12.13 25.47
C ASN A 226 -11.28 -12.35 24.75
N SER A 227 -12.33 -12.21 25.52
CA SER A 227 -13.70 -12.48 25.05
C SER A 227 -14.52 -11.18 25.04
N ASP A 228 -13.91 -9.99 24.88
CA ASP A 228 -14.68 -8.72 24.74
C ASP A 228 -15.71 -8.87 23.60
N ARG A 229 -16.98 -8.61 23.89
CA ARG A 229 -18.12 -8.84 22.98
CA ARG A 229 -18.10 -8.85 22.94
C ARG A 229 -18.51 -7.57 22.22
N THR A 230 -17.84 -6.46 22.48
CA THR A 230 -18.09 -5.18 21.77
C THR A 230 -18.04 -5.39 20.26
N VAL A 231 -19.08 -4.99 19.54
CA VAL A 231 -19.18 -5.25 18.09
C VAL A 231 -18.59 -4.05 17.31
N LEU A 232 -17.67 -4.35 16.40
CA LEU A 232 -17.15 -3.29 15.51
C LEU A 232 -18.23 -2.81 14.54
N ARG A 233 -18.24 -1.52 14.28
CA ARG A 233 -19.21 -0.85 13.39
C ARG A 233 -18.48 0.05 12.40
N GLU A 234 -18.98 0.15 11.19
CA GLU A 234 -18.50 1.12 10.20
C GLU A 234 -18.47 2.52 10.82
N GLY A 235 -17.34 3.24 10.63
CA GLY A 235 -17.18 4.59 11.14
C GLY A 235 -16.43 4.64 12.47
N MET A 236 -16.22 3.51 13.14
CA MET A 236 -15.34 3.46 14.32
C MET A 236 -13.90 3.67 13.87
N ILE A 237 -13.16 4.41 14.68
CA ILE A 237 -11.71 4.61 14.43
C ILE A 237 -10.97 4.25 15.69
N PHE A 238 -9.97 3.39 15.61
CA PHE A 238 -9.24 2.95 16.80
C PHE A 238 -7.83 2.53 16.42
N THR A 239 -6.97 2.35 17.38
CA THR A 239 -5.59 1.90 17.14
C THR A 239 -5.43 0.43 17.47
N ILE A 240 -4.52 -0.22 16.77
CA ILE A 240 -4.02 -1.56 17.12
C ILE A 240 -2.52 -1.37 17.23
N GLU A 241 -1.93 -1.84 18.32
CA GLU A 241 -0.52 -1.48 18.64
C GLU A 241 0.11 -2.53 19.55
N PRO A 242 0.22 -3.78 19.08
CA PRO A 242 0.73 -4.84 19.95
C PRO A 242 2.18 -4.61 20.28
N MET A 243 2.52 -4.83 21.56
CA MET A 243 3.90 -4.83 22.06
CA MET A 243 3.90 -4.83 22.08
C MET A 243 4.29 -6.27 22.36
N ILE A 244 5.33 -6.74 21.72
CA ILE A 244 5.83 -8.13 21.80
C ILE A 244 7.19 -8.10 22.47
N ASN A 245 7.37 -8.94 23.46
CA ASN A 245 8.62 -9.06 24.23
C ASN A 245 9.37 -10.32 23.82
N ALA A 246 10.68 -10.24 23.82
CA ALA A 246 11.57 -11.39 23.53
C ALA A 246 11.69 -12.28 24.76
N GLY A 247 11.39 -11.76 25.94
CA GLY A 247 11.34 -12.56 27.18
C GLY A 247 9.95 -12.63 27.68
N LYS A 248 9.78 -12.41 28.98
CA LYS A 248 8.48 -12.51 29.63
C LYS A 248 7.67 -11.21 29.41
N PHE A 249 6.39 -11.27 29.74
CA PHE A 249 5.43 -10.21 29.41
C PHE A 249 5.56 -9.01 30.28
N GLY A 250 6.13 -9.11 31.47
CA GLY A 250 5.99 -8.05 32.47
C GLY A 250 6.83 -6.82 32.13
N CYS A 251 6.39 -5.69 32.63
CA CYS A 251 7.03 -4.39 32.39
C CYS A 251 7.32 -3.68 33.73
N ARG A 252 8.15 -2.66 33.70
CA ARG A 252 8.50 -1.80 34.86
C ARG A 252 8.39 -0.35 34.40
N LEU A 253 7.78 0.50 35.19
CA LEU A 253 7.66 1.93 34.87
C LEU A 253 8.75 2.70 35.58
N ASP A 254 9.39 3.61 34.85
CA ASP A 254 10.44 4.50 35.36
C ASP A 254 9.79 5.56 36.27
N ASP A 255 9.97 5.40 37.58
CA ASP A 255 9.39 6.36 38.54
C ASP A 255 10.25 7.60 38.68
N GLU A 256 11.43 7.66 38.10
CA GLU A 256 12.26 8.90 38.09
C GLU A 256 11.82 9.85 37.01
N ASP A 257 11.67 9.37 35.76
CA ASP A 257 11.22 10.24 34.65
C ASP A 257 9.72 10.20 34.40
N SER A 258 9.02 9.33 35.13
CA SER A 258 7.54 9.19 35.10
C SER A 258 7.01 8.42 33.89
N TRP A 259 7.81 8.15 32.85
CA TRP A 259 7.28 7.73 31.54
C TRP A 259 7.91 6.42 31.05
N THR A 260 9.23 6.33 31.03
CA THR A 260 9.86 5.19 30.29
C THR A 260 9.36 3.87 30.83
N VAL A 261 8.96 2.96 29.96
CA VAL A 261 8.53 1.61 30.35
C VAL A 261 9.58 0.64 29.85
N TYR A 262 10.08 -0.20 30.73
CA TYR A 262 11.10 -1.23 30.44
C TYR A 262 10.50 -2.62 30.55
N THR A 263 11.09 -3.57 29.81
CA THR A 263 10.80 -4.98 30.11
C THR A 263 11.31 -5.27 31.52
N ALA A 264 10.55 -6.04 32.31
CA ALA A 264 11.04 -6.35 33.67
C ALA A 264 12.26 -7.24 33.62
N ASP A 265 12.41 -8.08 32.60
CA ASP A 265 13.56 -9.03 32.53
C ASP A 265 14.71 -8.47 31.69
N GLY A 266 14.58 -7.26 31.11
CA GLY A 266 15.69 -6.65 30.35
C GLY A 266 15.88 -7.16 28.93
N LYS A 267 15.00 -8.05 28.45
CA LYS A 267 15.07 -8.47 27.05
CA LYS A 267 15.01 -8.50 27.05
C LYS A 267 14.40 -7.41 26.16
N LYS A 268 14.58 -7.51 24.88
CA LYS A 268 14.05 -6.49 23.94
C LYS A 268 12.55 -6.63 23.75
N SER A 269 11.98 -5.56 23.24
CA SER A 269 10.53 -5.42 22.98
C SER A 269 10.33 -4.64 21.70
N ALA A 270 9.36 -5.04 20.88
CA ALA A 270 9.04 -4.33 19.62
C ALA A 270 7.55 -4.08 19.50
N GLN A 271 7.21 -3.03 18.81
CA GLN A 271 5.83 -2.56 18.64
C GLN A 271 5.68 -1.93 17.25
N TRP A 272 4.50 -2.10 16.67
CA TRP A 272 4.03 -1.36 15.49
C TRP A 272 2.61 -0.94 15.77
N GLU A 273 2.25 0.23 15.30
CA GLU A 273 0.88 0.75 15.47
C GLU A 273 0.33 1.33 14.18
N HIS A 274 -0.96 1.08 13.95
CA HIS A 274 -1.75 1.86 12.96
C HIS A 274 -3.04 2.37 13.58
N THR A 275 -3.48 3.51 13.05
CA THR A 275 -4.85 4.03 13.28
C THR A 275 -5.73 3.55 12.15
N ILE A 276 -6.87 2.93 12.49
CA ILE A 276 -7.69 2.31 11.44
C ILE A 276 -9.16 2.69 11.55
N LEU A 277 -9.76 2.80 10.39
CA LEU A 277 -11.17 3.12 10.19
C LEU A 277 -11.88 1.84 9.82
N VAL A 278 -12.98 1.51 10.50
CA VAL A 278 -13.85 0.39 10.06
C VAL A 278 -14.68 0.88 8.86
N THR A 279 -14.58 0.14 7.77
CA THR A 279 -15.30 0.41 6.52
C THR A 279 -16.49 -0.55 6.41
N ALA A 280 -17.24 -0.45 5.34
CA ALA A 280 -18.38 -1.39 5.17
C ALA A 280 -17.93 -2.84 5.02
N THR A 281 -16.76 -3.13 4.50
CA THR A 281 -16.32 -4.50 4.23
C THR A 281 -15.01 -4.85 4.89
N GLY A 282 -14.43 -3.94 5.67
CA GLY A 282 -13.09 -4.21 6.18
C GLY A 282 -12.59 -3.06 7.01
N CYS A 283 -11.42 -2.58 6.66
CA CYS A 283 -10.87 -1.40 7.32
C CYS A 283 -9.95 -0.64 6.37
N GLU A 284 -9.71 0.59 6.74
CA GLU A 284 -8.80 1.50 6.02
C GLU A 284 -7.69 1.86 7.01
N ILE A 285 -6.47 1.78 6.51
CA ILE A 285 -5.27 1.98 7.37
C ILE A 285 -4.90 3.44 7.22
N LEU A 286 -5.34 4.31 8.12
CA LEU A 286 -5.20 5.76 7.93
C LEU A 286 -3.73 6.17 7.98
N THR A 287 -2.91 5.39 8.69
CA THR A 287 -1.49 5.68 8.90
C THR A 287 -0.60 4.80 8.03
N LEU A 288 -1.11 4.22 6.93
CA LEU A 288 -0.28 3.42 6.03
C LEU A 288 0.90 4.25 5.50
N ARG A 289 2.08 3.64 5.47
CA ARG A 289 3.28 4.25 4.86
C ARG A 289 3.46 3.74 3.43
N SER A 290 4.21 4.54 2.66
CA SER A 290 4.54 4.15 1.29
C SER A 290 5.33 2.87 1.21
N GLU A 291 6.13 2.56 2.24
CA GLU A 291 6.98 1.35 2.20
C GLU A 291 6.21 0.01 2.40
N GLU A 292 4.99 0.10 2.93
CA GLU A 292 4.31 -1.12 3.41
C GLU A 292 3.62 -1.88 2.26
N SER A 293 3.65 -3.21 2.26
N SER A 293 3.84 -3.20 2.32
CA SER A 293 3.03 -4.00 1.16
CA SER A 293 3.19 -4.26 1.49
C SER A 293 1.57 -4.38 1.49
C SER A 293 1.88 -4.67 2.18
N LEU A 294 1.04 -3.70 2.46
CA LEU A 294 -0.30 -3.87 3.01
C LEU A 294 -1.17 -2.91 2.21
N PRO A 295 -2.39 -3.31 1.80
CA PRO A 295 -3.31 -2.40 1.19
C PRO A 295 -3.74 -1.28 2.12
N ARG A 296 -4.00 -0.10 1.63
CA ARG A 296 -4.63 0.94 2.41
C ARG A 296 -6.07 0.54 2.80
N ILE A 297 -6.79 -0.17 1.94
CA ILE A 297 -8.18 -0.58 2.24
C ILE A 297 -8.25 -2.08 2.09
N LEU A 298 -8.50 -2.76 3.21
CA LEU A 298 -8.71 -4.24 3.24
CA LEU A 298 -8.71 -4.24 3.26
C LEU A 298 -10.20 -4.56 3.07
N ASN A 299 -10.49 -5.54 2.22
CA ASN A 299 -11.83 -6.13 2.16
C ASN A 299 -11.71 -7.46 2.87
N ASN A 300 -12.25 -7.56 4.09
CA ASN A 300 -12.14 -8.76 4.93
C ASN A 300 -13.45 -9.57 4.90
N ALA A 301 -14.35 -9.28 4.00
CA ALA A 301 -15.73 -9.84 3.96
C ALA A 301 -15.72 -11.13 3.19
N SER B 23 14.71 11.48 -26.99
CA SER B 23 15.52 11.68 -25.72
C SER B 23 14.65 11.37 -24.49
N ILE B 24 15.14 10.54 -23.56
CA ILE B 24 14.36 10.24 -22.32
C ILE B 24 14.30 11.48 -21.43
N LYS B 25 13.11 11.80 -20.91
CA LYS B 25 12.88 12.96 -20.02
C LYS B 25 13.18 12.61 -18.56
N ILE B 26 13.93 13.45 -17.86
CA ILE B 26 14.11 13.38 -16.37
C ILE B 26 13.22 14.44 -15.77
N LYS B 27 12.20 14.02 -15.03
CA LYS B 27 11.26 14.99 -14.45
C LYS B 27 11.95 15.70 -13.27
N ASN B 28 11.74 17.01 -13.15
CA ASN B 28 12.20 17.78 -11.98
C ASN B 28 11.17 17.64 -10.86
N ALA B 29 11.42 18.22 -9.69
CA ALA B 29 10.61 17.98 -8.47
C ALA B 29 9.18 18.45 -8.70
N VAL B 30 8.99 19.55 -9.41
CA VAL B 30 7.63 20.11 -9.65
C VAL B 30 6.92 19.14 -10.57
N GLU B 31 7.57 18.66 -11.61
CA GLU B 31 6.95 17.74 -12.60
C GLU B 31 6.62 16.40 -11.91
N ILE B 32 7.48 15.92 -11.04
CA ILE B 32 7.18 14.68 -10.25
C ILE B 32 5.92 14.89 -9.44
N GLU B 33 5.73 16.03 -8.79
CA GLU B 33 4.53 16.29 -7.97
C GLU B 33 3.30 16.32 -8.90
N LYS B 34 3.38 16.93 -10.08
CA LYS B 34 2.24 16.99 -11.02
C LYS B 34 1.91 15.55 -11.45
N MET B 35 2.92 14.72 -11.62
CA MET B 35 2.72 13.31 -12.07
C MET B 35 2.15 12.50 -10.91
N ARG B 36 2.53 12.79 -9.70
CA ARG B 36 1.95 12.14 -8.51
C ARG B 36 0.46 12.45 -8.44
N VAL B 37 0.08 13.70 -8.71
CA VAL B 37 -1.35 14.08 -8.66
C VAL B 37 -2.07 13.32 -9.77
N ALA B 38 -1.58 13.41 -11.00
CA ALA B 38 -2.26 12.80 -12.16
C ALA B 38 -2.42 11.28 -11.93
N GLY B 39 -1.39 10.64 -11.36
CA GLY B 39 -1.44 9.18 -11.19
C GLY B 39 -2.40 8.77 -10.09
N ARG B 40 -2.55 9.58 -9.05
CA ARG B 40 -3.54 9.31 -8.00
CA ARG B 40 -3.54 9.32 -7.98
C ARG B 40 -4.94 9.48 -8.58
N LEU B 41 -5.14 10.52 -9.42
CA LEU B 41 -6.47 10.74 -10.02
C LEU B 41 -6.83 9.55 -10.90
N ALA B 42 -5.91 9.03 -11.68
CA ALA B 42 -6.20 7.89 -12.58
C ALA B 42 -6.59 6.66 -11.75
N ALA B 43 -5.88 6.41 -10.66
CA ALA B 43 -6.18 5.27 -9.76
C ALA B 43 -7.56 5.49 -9.13
N GLU B 44 -7.84 6.73 -8.76
CA GLU B 44 -9.12 7.07 -8.10
C GLU B 44 -10.30 6.81 -9.04
N VAL B 45 -10.16 6.97 -10.34
CA VAL B 45 -11.28 6.63 -11.24
C VAL B 45 -11.56 5.14 -11.10
N LEU B 46 -10.52 4.30 -11.14
CA LEU B 46 -10.71 2.84 -11.04
C LEU B 46 -11.31 2.48 -9.69
N GLU B 47 -10.97 3.20 -8.63
CA GLU B 47 -11.55 2.93 -7.31
C GLU B 47 -13.04 3.32 -7.33
N MET B 48 -13.35 4.44 -7.94
CA MET B 48 -14.74 4.97 -7.98
C MET B 48 -15.63 4.03 -8.79
N ILE B 49 -15.12 3.48 -9.88
CA ILE B 49 -16.05 2.79 -10.81
C ILE B 49 -16.37 1.40 -10.32
N GLU B 50 -15.59 0.81 -9.41
CA GLU B 50 -15.72 -0.63 -9.04
C GLU B 50 -17.15 -1.05 -8.68
N PRO B 51 -17.89 -0.33 -7.83
CA PRO B 51 -19.23 -0.78 -7.45
C PRO B 51 -20.20 -0.83 -8.62
N HIS B 52 -19.89 -0.11 -9.70
CA HIS B 52 -20.75 -0.07 -10.90
C HIS B 52 -20.47 -1.26 -11.80
N VAL B 53 -19.36 -1.94 -11.67
CA VAL B 53 -18.92 -3.04 -12.56
C VAL B 53 -19.57 -4.31 -12.10
N LYS B 54 -20.52 -4.82 -12.90
CA LYS B 54 -21.20 -6.10 -12.59
CA LYS B 54 -21.32 -6.02 -12.55
C LYS B 54 -21.99 -6.55 -13.82
N ALA B 55 -22.49 -7.76 -13.76
CA ALA B 55 -23.23 -8.36 -14.89
C ALA B 55 -24.43 -7.47 -15.24
N GLY B 56 -24.64 -7.29 -16.55
CA GLY B 56 -25.80 -6.53 -17.04
C GLY B 56 -25.56 -5.06 -17.20
N VAL B 57 -24.35 -4.58 -16.91
CA VAL B 57 -24.00 -3.15 -17.13
CA VAL B 57 -23.95 -3.15 -17.10
C VAL B 57 -23.30 -3.02 -18.49
N THR B 58 -23.61 -1.94 -19.18
CA THR B 58 -22.95 -1.68 -20.48
C THR B 58 -21.66 -0.90 -20.25
N THR B 59 -20.71 -1.09 -21.15
CA THR B 59 -19.46 -0.30 -21.06
C THR B 59 -19.73 1.17 -21.33
N GLU B 60 -20.75 1.49 -22.13
CA GLU B 60 -21.21 2.87 -22.30
C GLU B 60 -21.55 3.54 -20.98
N GLU B 61 -22.33 2.88 -20.16
CA GLU B 61 -22.65 3.43 -18.83
CA GLU B 61 -22.66 3.42 -18.81
C GLU B 61 -21.37 3.65 -18.01
N LEU B 62 -20.45 2.69 -18.02
CA LEU B 62 -19.15 2.90 -17.32
C LEU B 62 -18.45 4.16 -17.85
N ASP B 63 -18.46 4.34 -19.17
CA ASP B 63 -17.84 5.53 -19.78
C ASP B 63 -18.50 6.82 -19.30
N GLN B 64 -19.83 6.84 -19.27
CA GLN B 64 -20.55 8.05 -18.86
C GLN B 64 -20.20 8.42 -17.42
N ILE B 65 -20.18 7.39 -16.55
CA ILE B 65 -19.90 7.62 -15.13
C ILE B 65 -18.47 8.14 -15.00
N CYS B 66 -17.51 7.48 -15.68
CA CYS B 66 -16.10 7.92 -15.57
C CYS B 66 -15.91 9.31 -16.13
N HIS B 67 -16.52 9.62 -17.27
CA HIS B 67 -16.37 10.94 -17.91
C HIS B 67 -16.84 12.05 -16.96
N LYS B 68 -18.03 11.83 -16.40
CA LYS B 68 -18.60 12.83 -15.48
C LYS B 68 -17.68 13.00 -14.26
N TYR B 69 -17.17 11.91 -13.72
CA TYR B 69 -16.31 11.97 -12.52
C TYR B 69 -15.01 12.71 -12.81
N ILE B 70 -14.33 12.34 -13.87
CA ILE B 70 -13.04 12.93 -14.29
C ILE B 70 -13.24 14.44 -14.49
N THR B 71 -14.31 14.85 -15.16
CA THR B 71 -14.43 16.27 -15.57
C THR B 71 -15.00 17.09 -14.43
N GLU B 72 -16.02 16.60 -13.74
CA GLU B 72 -16.80 17.43 -12.77
C GLU B 72 -16.24 17.30 -11.36
N VAL B 73 -15.70 16.15 -10.99
CA VAL B 73 -15.19 15.96 -9.61
C VAL B 73 -13.66 16.19 -9.61
N GLN B 74 -12.92 15.56 -10.50
CA GLN B 74 -11.45 15.65 -10.45
C GLN B 74 -10.95 16.95 -11.12
N GLY B 75 -11.74 17.56 -11.99
CA GLY B 75 -11.22 18.70 -12.78
C GLY B 75 -10.07 18.32 -13.69
N ALA B 76 -10.16 17.13 -14.27
CA ALA B 76 -9.16 16.60 -15.21
C ALA B 76 -9.78 16.33 -16.58
N ILE B 77 -8.98 15.91 -17.51
CA ILE B 77 -9.37 15.64 -18.91
C ILE B 77 -9.18 14.16 -19.20
N PRO B 78 -10.14 13.46 -19.85
CA PRO B 78 -9.89 12.11 -20.28
C PRO B 78 -9.06 12.19 -21.55
N ALA B 79 -7.84 11.68 -21.53
CA ALA B 79 -6.88 11.77 -22.64
C ALA B 79 -7.46 11.05 -23.87
N PRO B 80 -8.14 9.89 -23.80
CA PRO B 80 -8.52 9.16 -25.03
C PRO B 80 -9.38 10.05 -25.92
N LEU B 81 -10.36 10.71 -25.32
CA LEU B 81 -11.38 11.46 -26.09
C LEU B 81 -10.75 12.74 -26.61
N ASN B 82 -9.98 13.43 -25.78
CA ASN B 82 -9.59 14.81 -26.11
CA ASN B 82 -9.55 14.82 -26.07
C ASN B 82 -8.25 14.85 -26.84
N TYR B 83 -7.44 13.81 -26.77
CA TYR B 83 -6.10 13.90 -27.38
C TYR B 83 -5.76 12.71 -28.27
N HIS B 84 -6.32 11.53 -28.04
CA HIS B 84 -5.87 10.35 -28.81
C HIS B 84 -6.82 10.00 -29.96
N GLY B 85 -7.90 10.76 -30.15
CA GLY B 85 -8.86 10.47 -31.22
C GLY B 85 -9.76 9.30 -30.94
N PHE B 86 -9.79 8.83 -29.70
CA PHE B 86 -10.70 7.72 -29.30
C PHE B 86 -12.12 8.24 -29.22
N PRO B 87 -13.12 7.42 -29.58
CA PRO B 87 -14.48 7.95 -29.59
C PRO B 87 -15.12 8.08 -28.21
N LYS B 88 -14.44 7.59 -27.15
CA LYS B 88 -14.94 7.55 -25.76
C LYS B 88 -13.85 7.99 -24.79
N SER B 89 -14.18 8.08 -23.52
CA SER B 89 -13.30 8.61 -22.48
C SER B 89 -12.40 7.58 -21.82
N ILE B 90 -12.83 6.33 -21.86
CA ILE B 90 -12.13 5.17 -21.25
C ILE B 90 -12.06 4.06 -22.28
N CYS B 91 -11.17 3.11 -22.08
CA CYS B 91 -11.12 1.88 -22.91
C CYS B 91 -11.61 0.70 -22.05
N THR B 92 -12.56 -0.05 -22.55
CA THR B 92 -13.20 -1.18 -21.84
C THR B 92 -13.00 -2.43 -22.68
N SER B 93 -12.09 -3.33 -22.27
CA SER B 93 -11.66 -4.50 -23.05
C SER B 93 -12.16 -5.76 -22.36
N ILE B 94 -13.10 -6.47 -22.97
CA ILE B 94 -13.73 -7.69 -22.40
C ILE B 94 -13.12 -8.94 -23.01
N ASN B 95 -12.74 -9.94 -22.19
CA ASN B 95 -12.48 -11.34 -22.66
C ASN B 95 -11.42 -11.36 -23.77
N HIS B 96 -11.77 -11.71 -25.02
CA HIS B 96 -10.78 -11.89 -26.11
C HIS B 96 -10.36 -10.52 -26.65
N ILE B 97 -10.91 -9.40 -26.19
CA ILE B 97 -10.36 -8.07 -26.57
C ILE B 97 -9.07 -7.84 -25.79
N VAL B 98 -8.00 -7.54 -26.49
CA VAL B 98 -6.67 -7.35 -25.90
C VAL B 98 -6.55 -5.95 -25.32
N CYS B 99 -6.99 -4.96 -26.08
CA CYS B 99 -6.90 -3.54 -25.69
C CYS B 99 -7.80 -2.67 -26.60
N HIS B 100 -8.02 -1.45 -26.15
CA HIS B 100 -8.73 -0.38 -26.91
C HIS B 100 -10.17 -0.76 -27.20
N GLY B 101 -10.78 -1.59 -26.36
CA GLY B 101 -12.20 -1.82 -26.47
C GLY B 101 -12.98 -0.55 -26.32
N ILE B 102 -14.02 -0.37 -27.13
CA ILE B 102 -14.77 0.90 -27.18
C ILE B 102 -16.07 0.74 -26.40
N PRO B 103 -16.29 1.59 -25.39
CA PRO B 103 -17.57 1.57 -24.70
C PRO B 103 -18.76 1.63 -25.67
N ALA B 104 -19.79 0.87 -25.41
CA ALA B 104 -21.00 0.79 -26.27
C ALA B 104 -22.19 0.32 -25.45
N SER B 105 -23.35 0.38 -26.09
CA SER B 105 -24.66 0.06 -25.44
C SER B 105 -25.19 -1.28 -25.91
N GLU B 106 -24.64 -1.84 -26.99
CA GLU B 106 -25.12 -3.09 -27.62
C GLU B 106 -23.90 -3.91 -28.01
N ASP B 107 -24.03 -5.21 -27.88
CA ASP B 107 -23.06 -6.16 -28.45
C ASP B 107 -23.19 -6.10 -29.98
N THR B 108 -22.07 -6.14 -30.70
CA THR B 108 -22.10 -6.23 -32.18
C THR B 108 -21.09 -7.32 -32.57
N TYR B 109 -20.95 -7.54 -33.89
CA TYR B 109 -19.99 -8.49 -34.48
C TYR B 109 -19.12 -7.78 -35.52
N PHE B 110 -17.85 -8.13 -35.48
CA PHE B 110 -16.83 -7.83 -36.50
C PHE B 110 -16.61 -9.15 -37.24
N GLY B 111 -17.43 -9.40 -38.27
CA GLY B 111 -17.53 -10.72 -38.90
C GLY B 111 -17.95 -11.78 -37.89
N GLN B 112 -17.14 -12.83 -37.70
CA GLN B 112 -17.42 -14.01 -36.80
C GLN B 112 -17.07 -13.63 -35.36
N ILE B 113 -16.47 -12.45 -35.16
CA ILE B 113 -15.85 -12.08 -33.87
C ILE B 113 -16.83 -11.22 -33.08
N GLN B 114 -17.10 -11.59 -31.86
CA GLN B 114 -17.98 -10.78 -30.99
C GLN B 114 -17.23 -9.50 -30.60
N ARG B 115 -17.93 -8.38 -30.64
CA ARG B 115 -17.43 -7.10 -30.16
C ARG B 115 -18.35 -6.71 -29.01
N PRO B 116 -18.05 -7.21 -27.79
CA PRO B 116 -19.00 -7.10 -26.68
C PRO B 116 -19.07 -5.70 -26.09
N ALA B 117 -20.20 -5.41 -25.47
CA ALA B 117 -20.39 -4.18 -24.68
C ALA B 117 -21.17 -4.42 -23.39
N VAL B 118 -21.84 -5.56 -23.24
CA VAL B 118 -22.66 -5.78 -22.01
C VAL B 118 -22.05 -6.88 -21.18
N LEU B 119 -21.74 -6.60 -19.91
CA LEU B 119 -21.02 -7.58 -19.09
C LEU B 119 -21.93 -8.75 -18.74
N ARG B 120 -21.32 -9.90 -18.63
CA ARG B 120 -21.98 -11.18 -18.27
CA ARG B 120 -21.98 -11.17 -18.26
C ARG B 120 -21.17 -11.86 -17.18
N ASP B 121 -21.83 -12.67 -16.36
CA ASP B 121 -21.08 -13.52 -15.40
CA ASP B 121 -21.21 -13.64 -15.45
C ASP B 121 -20.10 -14.40 -16.17
N GLY B 122 -18.90 -14.45 -15.63
CA GLY B 122 -17.79 -15.23 -16.20
C GLY B 122 -16.86 -14.35 -17.00
N ASP B 123 -17.28 -13.12 -17.27
CA ASP B 123 -16.40 -12.20 -18.08
C ASP B 123 -15.22 -11.68 -17.26
N ILE B 124 -14.15 -11.36 -17.98
CA ILE B 124 -13.06 -10.53 -17.43
C ILE B 124 -13.08 -9.20 -18.17
N LEU B 125 -12.86 -8.10 -17.47
CA LEU B 125 -12.91 -6.75 -18.06
C LEU B 125 -11.66 -6.01 -17.66
N ASN B 126 -11.02 -5.36 -18.63
CA ASN B 126 -9.97 -4.38 -18.36
C ASN B 126 -10.57 -2.99 -18.52
N ILE B 127 -10.45 -2.13 -17.52
CA ILE B 127 -10.73 -0.68 -17.70
C ILE B 127 -9.39 0.02 -17.71
N ASP B 128 -9.14 0.77 -18.76
CA ASP B 128 -7.90 1.55 -18.95
CA ASP B 128 -7.91 1.54 -18.98
C ASP B 128 -8.27 3.03 -18.85
N ILE B 129 -7.65 3.72 -17.92
CA ILE B 129 -7.90 5.12 -17.60
C ILE B 129 -6.62 5.92 -17.93
N THR B 130 -6.78 6.99 -18.69
CA THR B 130 -5.71 8.01 -18.86
C THR B 130 -6.30 9.37 -18.59
N VAL B 131 -5.78 10.05 -17.59
CA VAL B 131 -6.25 11.41 -17.28
C VAL B 131 -5.10 12.37 -17.44
N ILE B 132 -5.44 13.59 -17.79
CA ILE B 132 -4.47 14.71 -17.81
C ILE B 132 -4.90 15.68 -16.76
N LYS B 133 -3.93 16.08 -15.94
CA LYS B 133 -4.21 17.09 -14.93
C LYS B 133 -3.02 18.05 -14.93
N ASP B 134 -3.28 19.35 -15.07
CA ASP B 134 -2.19 20.37 -14.99
C ASP B 134 -1.14 20.00 -16.05
N GLY B 135 -1.55 19.46 -17.20
CA GLY B 135 -0.70 19.14 -18.37
C GLY B 135 0.12 17.86 -18.24
N TYR B 136 -0.10 17.04 -17.20
CA TYR B 136 0.67 15.79 -16.98
C TYR B 136 -0.28 14.57 -16.95
N HIS B 137 0.19 13.45 -17.51
CA HIS B 137 -0.62 12.21 -17.75
C HIS B 137 -0.51 11.25 -16.58
N GLY B 138 -1.65 10.68 -16.21
CA GLY B 138 -1.69 9.49 -15.32
C GLY B 138 -2.37 8.33 -16.05
N ASP B 139 -1.71 7.18 -16.20
CA ASP B 139 -2.18 6.07 -17.06
C ASP B 139 -2.18 4.76 -16.27
N THR B 140 -3.29 4.07 -16.21
CA THR B 140 -3.33 2.81 -15.44
C THR B 140 -4.50 1.98 -15.98
N SER B 141 -4.45 0.70 -15.71
CA SER B 141 -5.58 -0.19 -16.04
C SER B 141 -5.57 -1.36 -15.05
N LYS B 142 -6.71 -2.01 -14.93
CA LYS B 142 -6.82 -3.21 -14.07
C LYS B 142 -7.88 -4.15 -14.64
N MET B 143 -7.84 -5.39 -14.17
CA MET B 143 -8.83 -6.43 -14.47
C MET B 143 -9.90 -6.46 -13.37
N PHE B 144 -11.14 -6.60 -13.79
CA PHE B 144 -12.32 -6.89 -12.96
C PHE B 144 -12.81 -8.28 -13.37
N LEU B 145 -13.15 -9.08 -12.37
CA LEU B 145 -13.75 -10.41 -12.57
C LEU B 145 -15.25 -10.30 -12.39
N ILE B 146 -16.05 -10.64 -13.38
CA ILE B 146 -17.52 -10.45 -13.31
C ILE B 146 -18.18 -11.75 -12.80
N GLY B 147 -18.74 -11.71 -11.60
CA GLY B 147 -19.41 -12.91 -11.04
C GLY B 147 -18.48 -14.08 -10.89
N ASP B 148 -18.98 -15.28 -11.19
CA ASP B 148 -18.21 -16.52 -11.00
C ASP B 148 -17.32 -16.76 -12.21
N VAL B 149 -16.04 -16.44 -12.10
CA VAL B 149 -15.10 -16.58 -13.22
C VAL B 149 -14.40 -17.93 -13.14
N SER B 150 -14.12 -18.57 -14.25
CA SER B 150 -13.49 -19.90 -14.32
C SER B 150 -12.09 -19.88 -13.68
N ILE B 151 -11.63 -21.03 -13.23
CA ILE B 151 -10.24 -21.20 -12.71
C ILE B 151 -9.26 -20.73 -13.81
N GLU B 152 -9.45 -21.08 -15.06
CA GLU B 152 -8.47 -20.72 -16.13
C GLU B 152 -8.43 -19.18 -16.27
N ASP B 153 -9.57 -18.53 -16.25
CA ASP B 153 -9.60 -17.03 -16.43
C ASP B 153 -9.06 -16.31 -15.18
N LYS B 154 -9.28 -16.83 -13.97
CA LYS B 154 -8.70 -16.28 -12.74
C LYS B 154 -7.18 -16.43 -12.83
N ARG B 155 -6.67 -17.55 -13.28
CA ARG B 155 -5.21 -17.74 -13.37
C ARG B 155 -4.64 -16.72 -14.38
N LEU B 156 -5.28 -16.55 -15.52
CA LEU B 156 -4.78 -15.57 -16.52
C LEU B 156 -4.68 -14.18 -15.88
N CYS B 157 -5.70 -13.70 -15.19
CA CYS B 157 -5.71 -12.38 -14.57
C CYS B 157 -4.62 -12.30 -13.50
N HIS B 158 -4.51 -13.32 -12.67
CA HIS B 158 -3.57 -13.33 -11.53
C HIS B 158 -2.14 -13.33 -12.05
N VAL B 159 -1.83 -14.15 -13.01
CA VAL B 159 -0.48 -14.27 -13.58
C VAL B 159 -0.12 -12.96 -14.28
N ALA B 160 -1.04 -12.35 -15.01
CA ALA B 160 -0.77 -11.05 -15.63
C ALA B 160 -0.39 -10.04 -14.55
N GLN B 161 -1.05 -10.00 -13.41
CA GLN B 161 -0.72 -9.00 -12.37
C GLN B 161 0.63 -9.38 -11.74
N GLU B 162 0.90 -10.65 -11.52
CA GLU B 162 2.22 -11.07 -10.98
C GLU B 162 3.30 -10.57 -11.93
N CYS B 163 3.11 -10.65 -13.24
CA CYS B 163 4.08 -10.21 -14.24
C CYS B 163 4.41 -8.72 -13.97
N LEU B 164 3.39 -7.90 -13.80
CA LEU B 164 3.60 -6.47 -13.55
C LEU B 164 4.36 -6.30 -12.24
N TYR B 165 3.92 -6.97 -11.19
CA TYR B 165 4.54 -6.80 -9.85
C TYR B 165 6.00 -7.26 -9.87
N LEU B 166 6.31 -8.37 -10.53
CA LEU B 166 7.72 -8.87 -10.56
C LEU B 166 8.57 -7.91 -11.37
N ALA B 167 8.03 -7.30 -12.39
CA ALA B 167 8.78 -6.32 -13.20
C ALA B 167 9.11 -5.10 -12.34
N LEU B 168 8.14 -4.61 -11.53
CA LEU B 168 8.36 -3.43 -10.65
C LEU B 168 9.51 -3.68 -9.69
N LYS B 169 9.67 -4.90 -9.21
CA LYS B 169 10.72 -5.31 -8.25
C LYS B 169 12.11 -5.28 -8.90
N GLN B 170 12.19 -5.10 -10.22
CA GLN B 170 13.50 -5.00 -10.90
C GLN B 170 13.91 -3.56 -11.13
N VAL B 171 13.03 -2.58 -10.95
CA VAL B 171 13.31 -1.19 -11.35
C VAL B 171 14.15 -0.48 -10.30
N LYS B 172 15.30 0.08 -10.68
CA LYS B 172 16.10 0.97 -9.81
C LYS B 172 17.09 1.60 -10.74
N PRO B 173 17.74 2.71 -10.34
CA PRO B 173 18.77 3.30 -11.19
C PRO B 173 19.90 2.30 -11.53
N GLY B 174 20.32 2.30 -12.81
CA GLY B 174 21.45 1.45 -13.27
C GLY B 174 20.99 0.17 -13.92
N VAL B 175 19.73 -0.20 -13.80
CA VAL B 175 19.20 -1.46 -14.40
C VAL B 175 18.94 -1.19 -15.86
N GLN B 176 19.25 -2.18 -16.68
CA GLN B 176 18.95 -2.09 -18.12
C GLN B 176 17.47 -2.40 -18.36
N LEU B 177 16.91 -1.66 -19.28
CA LEU B 177 15.46 -1.69 -19.60
C LEU B 177 15.03 -3.08 -20.08
N GLY B 178 15.90 -3.84 -20.73
CA GLY B 178 15.63 -5.25 -21.06
C GLY B 178 15.32 -6.18 -19.90
N GLU B 179 15.69 -5.85 -18.66
CA GLU B 179 15.41 -6.75 -17.53
C GLU B 179 13.90 -6.76 -17.27
N ILE B 180 13.15 -5.75 -17.70
CA ILE B 180 11.67 -5.71 -17.46
C ILE B 180 11.00 -6.85 -18.22
N GLY B 181 11.19 -6.88 -19.53
CA GLY B 181 10.60 -7.93 -20.38
C GLY B 181 11.22 -9.29 -20.10
N THR B 182 12.51 -9.35 -19.78
CA THR B 182 13.16 -10.63 -19.40
C THR B 182 12.52 -11.22 -18.15
N THR B 183 12.23 -10.38 -17.15
CA THR B 183 11.61 -10.83 -15.91
C THR B 183 10.19 -11.32 -16.24
N ILE B 184 9.48 -10.54 -17.05
CA ILE B 184 8.07 -10.93 -17.35
C ILE B 184 8.05 -12.30 -18.07
N GLU B 185 8.91 -12.44 -19.02
CA GLU B 185 8.96 -13.73 -19.76
C GLU B 185 9.41 -14.88 -18.86
N LYS B 186 10.36 -14.67 -17.94
CA LYS B 186 10.70 -15.72 -16.94
C LYS B 186 9.47 -16.14 -16.14
N HIS B 187 8.62 -15.22 -15.72
CA HIS B 187 7.46 -15.63 -14.90
C HIS B 187 6.49 -16.46 -15.76
N ILE B 188 6.29 -16.03 -17.00
CA ILE B 188 5.34 -16.72 -17.91
C ILE B 188 5.85 -18.15 -18.17
N LYS B 189 7.15 -18.32 -18.34
CA LYS B 189 7.72 -19.70 -18.49
C LYS B 189 7.60 -20.53 -17.19
N THR B 190 7.72 -19.95 -16.01
CA THR B 190 7.50 -20.66 -14.72
C THR B 190 6.04 -21.09 -14.63
N ASN B 191 5.13 -20.20 -14.96
CA ASN B 191 3.71 -20.56 -14.92
C ASN B 191 3.50 -21.74 -15.87
N ASN B 192 4.13 -21.68 -17.05
CA ASN B 192 3.80 -22.56 -18.19
C ASN B 192 4.34 -23.94 -17.82
N LYS B 193 5.43 -24.01 -17.05
CA LYS B 193 6.01 -25.30 -16.60
C LYS B 193 5.19 -25.88 -15.45
N ASN B 194 4.55 -25.04 -14.64
CA ASN B 194 3.79 -25.50 -13.45
C ASN B 194 2.41 -25.93 -13.92
N ASN B 195 1.88 -25.25 -14.95
CA ASN B 195 0.49 -25.38 -15.42
C ASN B 195 0.46 -25.46 -16.94
N PRO B 196 1.12 -26.46 -17.56
CA PRO B 196 1.15 -26.51 -19.02
C PRO B 196 -0.31 -26.60 -19.45
N ARG B 197 -1.18 -26.93 -18.50
CA ARG B 197 -2.65 -26.73 -18.52
C ARG B 197 -3.02 -25.26 -18.84
N PHE B 198 -2.45 -24.29 -18.14
CA PHE B 198 -2.77 -22.84 -18.33
C PHE B 198 -1.56 -22.14 -18.92
N LYS B 199 -1.29 -22.39 -20.20
CA LYS B 199 -0.10 -21.83 -20.84
C LYS B 199 -0.49 -20.49 -21.43
N PHE B 200 0.39 -19.54 -21.30
CA PHE B 200 0.14 -18.12 -21.63
C PHE B 200 1.22 -17.62 -22.55
N SER B 201 0.94 -16.53 -23.26
CA SER B 201 1.88 -15.83 -24.16
C SER B 201 1.86 -14.36 -23.89
N ILE B 202 2.91 -13.70 -24.30
CA ILE B 202 3.08 -12.25 -24.10
C ILE B 202 2.81 -11.54 -25.42
N VAL B 203 1.90 -10.59 -25.41
CA VAL B 203 1.61 -9.74 -26.60
C VAL B 203 2.85 -8.92 -26.94
N ARG B 204 3.22 -8.96 -28.22
CA ARG B 204 4.49 -8.39 -28.75
C ARG B 204 4.19 -7.05 -29.42
N ASP B 205 2.95 -6.80 -29.81
CA ASP B 205 2.63 -5.68 -30.72
C ASP B 205 2.50 -4.39 -29.95
N TYR B 206 2.37 -4.45 -28.61
CA TYR B 206 2.09 -3.28 -27.76
C TYR B 206 3.14 -3.26 -26.66
N CYS B 207 3.54 -2.05 -26.25
CA CYS B 207 4.58 -1.92 -25.21
C CYS B 207 4.27 -0.77 -24.26
N GLY B 208 5.00 -0.75 -23.14
CA GLY B 208 4.97 0.36 -22.20
C GLY B 208 5.75 1.51 -22.78
N HIS B 209 5.76 2.65 -22.13
CA HIS B 209 6.45 3.84 -22.68
C HIS B 209 6.70 4.89 -21.62
N GLY B 210 7.71 5.73 -21.85
CA GLY B 210 7.80 6.96 -21.09
C GLY B 210 6.50 7.75 -21.16
N ILE B 211 6.22 8.53 -20.14
CA ILE B 211 4.97 9.30 -20.04
C ILE B 211 5.23 10.50 -19.16
N GLY B 212 4.62 11.65 -19.46
CA GLY B 212 4.76 12.85 -18.62
C GLY B 212 3.89 13.93 -19.15
N ALA B 213 4.51 15.01 -19.60
CA ALA B 213 3.81 16.13 -20.26
C ALA B 213 3.22 15.64 -21.58
N GLU B 214 3.82 14.63 -22.21
CA GLU B 214 3.26 13.97 -23.40
C GLU B 214 2.90 12.52 -23.06
N PHE B 215 1.92 11.93 -23.74
CA PHE B 215 1.53 10.53 -23.43
C PHE B 215 2.65 9.56 -23.80
N HIS B 216 3.21 9.68 -25.02
CA HIS B 216 4.19 8.78 -25.65
C HIS B 216 5.56 9.45 -25.62
N GLU B 217 6.40 9.07 -24.66
CA GLU B 217 7.80 9.55 -24.54
C GLU B 217 8.71 8.32 -24.60
N GLU B 218 10.00 8.55 -24.85
CA GLU B 218 10.98 7.47 -24.70
C GLU B 218 11.07 7.07 -23.22
N PRO B 219 11.46 5.81 -22.93
CA PRO B 219 11.73 4.77 -23.92
C PRO B 219 10.49 3.93 -24.22
N GLN B 220 10.59 3.03 -25.18
CA GLN B 220 9.63 1.92 -25.40
C GLN B 220 10.00 0.78 -24.45
N VAL B 221 9.02 0.21 -23.75
CA VAL B 221 9.22 -0.83 -22.74
C VAL B 221 8.59 -2.14 -23.24
N VAL B 222 9.32 -3.05 -23.88
CA VAL B 222 8.64 -4.31 -24.32
C VAL B 222 8.54 -5.28 -23.13
N HIS B 223 7.58 -6.20 -23.20
CA HIS B 223 7.21 -7.06 -22.08
C HIS B 223 7.68 -8.49 -22.28
N TYR B 224 8.41 -8.78 -23.35
CA TYR B 224 8.97 -10.14 -23.59
C TYR B 224 10.49 -10.05 -23.47
N LYS B 225 11.15 -11.21 -23.44
CA LYS B 225 12.61 -11.33 -23.24
C LYS B 225 13.32 -10.48 -24.30
N ASN B 226 14.22 -9.61 -23.85
CA ASN B 226 14.96 -8.69 -24.75
C ASN B 226 16.21 -8.20 -24.04
N SER B 227 17.15 -7.68 -24.81
CA SER B 227 18.48 -7.22 -24.31
C SER B 227 18.66 -5.72 -24.53
N ASP B 228 17.60 -4.91 -24.46
CA ASP B 228 17.69 -3.42 -24.51
C ASP B 228 18.61 -2.95 -23.37
N ARG B 229 19.63 -2.15 -23.71
CA ARG B 229 20.73 -1.75 -22.80
C ARG B 229 20.48 -0.35 -22.20
N THR B 230 19.39 0.32 -22.54
CA THR B 230 18.99 1.64 -22.00
C THR B 230 18.96 1.54 -20.46
N VAL B 231 19.67 2.45 -19.79
CA VAL B 231 19.86 2.42 -18.31
C VAL B 231 18.79 3.30 -17.67
N LEU B 232 18.06 2.69 -16.73
CA LEU B 232 17.09 3.44 -15.91
C LEU B 232 17.79 4.48 -15.01
N ARG B 233 17.19 5.66 -14.91
CA ARG B 233 17.72 6.79 -14.12
C ARG B 233 16.64 7.33 -13.20
N GLU B 234 17.03 7.77 -12.02
CA GLU B 234 16.12 8.45 -11.08
C GLU B 234 15.45 9.62 -11.80
N GLY B 235 14.12 9.74 -11.69
CA GLY B 235 13.37 10.85 -12.32
C GLY B 235 12.73 10.46 -13.62
N MET B 236 13.07 9.30 -14.18
CA MET B 236 12.35 8.77 -15.34
C MET B 236 10.96 8.34 -14.88
N ILE B 237 9.98 8.53 -15.74
CA ILE B 237 8.59 8.05 -15.49
C ILE B 237 8.13 7.31 -16.73
N PHE B 238 7.66 6.09 -16.55
CA PHE B 238 7.23 5.26 -17.68
C PHE B 238 6.14 4.32 -17.23
N THR B 239 5.50 3.70 -18.18
CA THR B 239 4.47 2.68 -17.89
C THR B 239 5.05 1.28 -18.04
N ILE B 240 4.51 0.33 -17.30
CA ILE B 240 4.68 -1.12 -17.48
C ILE B 240 3.25 -1.66 -17.59
N GLU B 241 2.96 -2.43 -18.63
CA GLU B 241 1.57 -2.76 -18.97
C GLU B 241 1.53 -4.05 -19.77
N PRO B 242 2.02 -5.17 -19.23
CA PRO B 242 2.05 -6.41 -20.01
C PRO B 242 0.64 -6.91 -20.32
N MET B 243 0.46 -7.32 -21.55
CA MET B 243 -0.78 -7.97 -22.03
C MET B 243 -0.46 -9.46 -22.19
N ILE B 244 -1.21 -10.31 -21.55
CA ILE B 244 -0.97 -11.77 -21.49
C ILE B 244 -2.18 -12.44 -22.16
N ASN B 245 -1.91 -13.29 -23.15
CA ASN B 245 -2.95 -14.03 -23.86
C ASN B 245 -2.99 -15.48 -23.34
N ALA B 246 -4.17 -16.06 -23.30
CA ALA B 246 -4.40 -17.46 -22.91
C ALA B 246 -4.10 -18.40 -24.09
N GLY B 247 -4.00 -17.87 -25.29
CA GLY B 247 -3.57 -18.64 -26.46
C GLY B 247 -2.29 -18.08 -26.97
N LYS B 248 -2.20 -17.92 -28.26
CA LYS B 248 -0.97 -17.47 -28.94
CA LYS B 248 -0.95 -17.48 -28.90
C LYS B 248 -0.87 -15.95 -28.83
N PHE B 249 0.31 -15.43 -29.09
CA PHE B 249 0.63 -14.01 -28.87
C PHE B 249 -0.07 -13.13 -29.88
N GLY B 250 -0.48 -13.65 -31.05
CA GLY B 250 -0.90 -12.73 -32.11
C GLY B 250 -2.26 -12.06 -31.88
N CYS B 251 -2.39 -10.91 -32.50
CA CYS B 251 -3.55 -10.02 -32.41
C CYS B 251 -4.07 -9.64 -33.79
N ARG B 252 -5.30 -9.17 -33.82
CA ARG B 252 -5.89 -8.62 -35.06
C ARG B 252 -6.70 -7.37 -34.74
N LEU B 253 -6.63 -6.41 -35.63
CA LEU B 253 -7.25 -5.09 -35.47
C LEU B 253 -8.60 -5.11 -36.12
N ASP B 254 -9.57 -4.49 -35.48
CA ASP B 254 -10.91 -4.27 -36.02
C ASP B 254 -10.81 -3.21 -37.14
N ASP B 255 -11.09 -3.56 -38.38
CA ASP B 255 -10.90 -2.50 -39.41
C ASP B 255 -12.27 -1.84 -39.68
N GLU B 256 -13.35 -2.19 -38.96
CA GLU B 256 -14.61 -1.41 -38.99
CA GLU B 256 -14.62 -1.42 -38.99
C GLU B 256 -14.51 -0.22 -38.05
N ASP B 257 -14.08 -0.45 -36.79
CA ASP B 257 -14.11 0.65 -35.79
C ASP B 257 -12.73 1.29 -35.65
N SER B 258 -11.70 0.70 -36.28
CA SER B 258 -10.34 1.30 -36.32
CA SER B 258 -10.27 1.10 -36.38
C SER B 258 -9.53 1.08 -35.04
N TRP B 259 -10.10 0.52 -33.98
CA TRP B 259 -9.48 0.57 -32.61
C TRP B 259 -9.46 -0.76 -31.89
N THR B 260 -10.57 -1.49 -31.88
CA THR B 260 -10.63 -2.70 -31.05
C THR B 260 -9.51 -3.65 -31.47
N VAL B 261 -8.80 -4.24 -30.53
CA VAL B 261 -7.77 -5.25 -30.82
C VAL B 261 -8.26 -6.58 -30.24
N TYR B 262 -8.30 -7.63 -31.02
CA TYR B 262 -8.71 -8.97 -30.59
C TYR B 262 -7.52 -9.89 -30.54
N THR B 263 -7.59 -10.96 -29.75
CA THR B 263 -6.68 -12.11 -29.94
C THR B 263 -7.00 -12.70 -31.31
N ALA B 264 -5.95 -13.10 -32.03
CA ALA B 264 -6.18 -13.66 -33.38
C ALA B 264 -6.83 -15.03 -33.25
N ASP B 265 -6.66 -15.72 -32.14
CA ASP B 265 -7.15 -17.11 -31.95
C ASP B 265 -8.43 -17.14 -31.10
N GLY B 266 -8.92 -15.99 -30.64
CA GLY B 266 -10.19 -15.85 -29.90
C GLY B 266 -10.11 -16.29 -28.41
N LYS B 267 -8.94 -16.61 -27.91
CA LYS B 267 -8.75 -16.89 -26.48
C LYS B 267 -8.79 -15.56 -25.72
N LYS B 268 -8.89 -15.63 -24.39
CA LYS B 268 -8.97 -14.37 -23.62
C LYS B 268 -7.57 -13.77 -23.41
N SER B 269 -7.56 -12.52 -23.01
CA SER B 269 -6.33 -11.73 -22.80
C SER B 269 -6.54 -10.86 -21.56
N ALA B 270 -5.51 -10.68 -20.75
CA ALA B 270 -5.58 -9.79 -19.57
C ALA B 270 -4.38 -8.86 -19.52
N GLN B 271 -4.62 -7.71 -18.90
CA GLN B 271 -3.61 -6.66 -18.78
C GLN B 271 -3.78 -5.91 -17.48
N TRP B 272 -2.66 -5.51 -16.90
CA TRP B 272 -2.61 -4.54 -15.77
C TRP B 272 -1.53 -3.53 -16.10
N GLU B 273 -1.75 -2.30 -15.71
CA GLU B 273 -0.77 -1.21 -15.96
C GLU B 273 -0.56 -0.34 -14.74
N HIS B 274 0.67 0.06 -14.52
CA HIS B 274 0.98 1.18 -13.64
C HIS B 274 1.91 2.18 -14.31
N THR B 275 1.76 3.42 -13.91
CA THR B 275 2.74 4.52 -14.17
C THR B 275 3.71 4.57 -13.00
N ILE B 276 4.99 4.54 -13.29
CA ILE B 276 6.02 4.43 -12.24
C ILE B 276 7.14 5.45 -12.44
N LEU B 277 7.59 5.94 -11.32
CA LEU B 277 8.70 6.89 -11.18
C LEU B 277 9.89 6.11 -10.66
N VAL B 278 11.03 6.29 -11.30
CA VAL B 278 12.28 5.70 -10.78
C VAL B 278 12.81 6.58 -9.66
N THR B 279 13.03 5.97 -8.50
CA THR B 279 13.52 6.70 -7.30
C THR B 279 15.02 6.42 -7.12
N ALA B 280 15.62 6.92 -6.05
CA ALA B 280 17.05 6.68 -5.80
C ALA B 280 17.33 5.21 -5.58
N THR B 281 16.40 4.44 -5.01
CA THR B 281 16.62 3.08 -4.59
C THR B 281 15.61 2.10 -5.20
N GLY B 282 14.74 2.52 -6.11
CA GLY B 282 13.69 1.61 -6.59
C GLY B 282 12.72 2.36 -7.45
N CYS B 283 11.44 2.26 -7.13
CA CYS B 283 10.41 2.97 -7.86
C CYS B 283 9.21 3.30 -6.99
N GLU B 284 8.48 4.31 -7.43
CA GLU B 284 7.23 4.81 -6.80
C GLU B 284 6.11 4.48 -7.78
N ILE B 285 5.04 3.88 -7.27
CA ILE B 285 3.91 3.42 -8.12
C ILE B 285 2.89 4.53 -8.05
N LEU B 286 2.91 5.43 -9.04
CA LEU B 286 2.11 6.67 -9.00
C LEU B 286 0.61 6.36 -9.11
N THR B 287 0.28 5.22 -9.71
CA THR B 287 -1.13 4.84 -9.93
C THR B 287 -1.51 3.70 -8.96
N LEU B 288 -0.84 3.56 -7.81
CA LEU B 288 -1.25 2.53 -6.82
C LEU B 288 -2.68 2.80 -6.34
N ARG B 289 -3.45 1.74 -6.26
CA ARG B 289 -4.79 1.76 -5.67
C ARG B 289 -4.79 1.29 -4.21
N SER B 290 -5.79 1.79 -3.50
CA SER B 290 -5.93 1.40 -2.07
C SER B 290 -6.09 -0.10 -1.87
N GLU B 291 -6.60 -0.88 -2.84
CA GLU B 291 -6.82 -2.32 -2.69
C GLU B 291 -5.52 -3.10 -2.77
N GLU B 292 -4.45 -2.53 -3.35
CA GLU B 292 -3.27 -3.32 -3.71
C GLU B 292 -2.34 -3.61 -2.51
N SER B 293 -1.76 -4.78 -2.39
N SER B 293 -1.92 -4.87 -2.45
CA SER B 293 -0.86 -5.08 -1.23
CA SER B 293 -0.89 -5.43 -1.56
C SER B 293 0.59 -4.75 -1.56
C SER B 293 0.47 -5.26 -2.23
N LEU B 294 0.78 -4.04 -2.63
CA LEU B 294 2.07 -3.63 -3.22
C LEU B 294 2.40 -2.33 -2.50
N PRO B 295 3.68 -2.07 -2.10
CA PRO B 295 4.04 -0.78 -1.56
C PRO B 295 3.89 0.32 -2.59
N ARG B 296 3.64 1.54 -2.20
CA ARG B 296 3.71 2.73 -3.06
C ARG B 296 5.16 3.00 -3.45
N ILE B 297 6.10 2.76 -2.57
CA ILE B 297 7.53 2.98 -2.86
C ILE B 297 8.28 1.72 -2.58
N LEU B 298 8.87 1.12 -3.62
CA LEU B 298 9.69 -0.10 -3.50
CA LEU B 298 9.69 -0.10 -3.53
C LEU B 298 11.16 0.29 -3.34
N ASN B 299 11.83 -0.37 -2.44
CA ASN B 299 13.30 -0.24 -2.33
C ASN B 299 13.86 -1.54 -2.87
N ASN B 300 14.41 -1.50 -4.07
CA ASN B 300 14.83 -2.72 -4.76
C ASN B 300 16.36 -2.88 -4.66
N ALA B 301 17.01 -2.09 -3.83
CA ALA B 301 18.48 -1.98 -3.81
C ALA B 301 19.00 -3.10 -2.94
NI NI C . 1.18 5.91 19.47
NI NI D . -1.70 4.71 20.34
NA NA E . 11.88 -1.79 22.51
C1 GOL F . -20.59 -1.70 20.13
O1 GOL F . -21.02 -1.80 18.81
C2 GOL F . -21.55 -2.45 21.02
O2 GOL F . -21.42 -3.89 20.92
C3 GOL F . -21.34 -1.94 22.41
O3 GOL F . -22.23 -2.63 23.25
C1 GOL G . 3.83 24.36 20.97
O1 GOL G . 4.76 23.97 21.97
C2 GOL G . 4.03 23.66 19.63
O2 GOL G . 4.14 22.27 19.82
C3 GOL G . 2.89 23.90 18.69
O3 GOL G . 3.24 24.64 17.53
C1 GOL H . 11.59 11.05 41.74
O1 GOL H . 12.70 10.20 41.40
C2 GOL H . 11.00 11.81 40.57
O2 GOL H . 11.96 12.67 39.93
C3 GOL H . 9.93 12.77 41.02
O3 GOL H . 9.26 13.43 39.95
C1 GOL I . -2.71 22.80 14.36
O1 GOL I . -2.18 23.63 13.37
C2 GOL I . -4.19 22.47 14.18
O2 GOL I . -4.40 22.22 12.79
C3 GOL I . -4.61 21.31 15.05
O3 GOL I . -5.84 21.45 15.80
NI NI J . -3.31 2.81 -20.52
NI NI K . -0.24 3.13 -22.17
NA NA L . -9.22 -9.12 -22.60
#